data_4OLK
#
_entry.id   4OLK
#
_cell.length_a   113.359
_cell.length_b   113.359
_cell.length_c   178.538
_cell.angle_alpha   90.00
_cell.angle_beta   90.00
_cell.angle_gamma   120.00
#
_symmetry.space_group_name_H-M   'P 62 2 2'
#
loop_
_entity.id
_entity.type
_entity.pdbx_description
1 polymer Endolysin
2 non-polymer 'CALCIUM ION'
3 non-polymer 2-[3-(2-HYDROXY-1,1-DIHYDROXYMETHYL-ETHYLAMINO)-PROPYLAMINO]-2-HYDROXYMETHYL-PROPANE-1,3-DIOL
4 water water
#
_entity_poly.entity_id   1
_entity_poly.type   'polypeptide(L)'
_entity_poly.pdbx_seq_one_letter_code
;SNAMAKTQAEINKRLDAYAKGTVDSPYRIKKATSYDPSFGVMEAGAIDADGYYHAQCQDLITDYVLWLTDNKVRTWGNAK
DQIKQSYGTGFKIHENKPSTVPKKGWIAVFTSGSYQQWGHIGIVYDGGNTSTFTILEQNWNGYANKKPTKRVDNYYGLTH
FIEIPVKA
;
_entity_poly.pdbx_strand_id   A,B
#
loop_
_chem_comp.id
_chem_comp.type
_chem_comp.name
_chem_comp.formula
B3P non-polymer 2-[3-(2-HYDROXY-1,1-DIHYDROXYMETHYL-ETHYLAMINO)-PROPYLAMINO]-2-HYDROXYMETHYL-PROPANE-1,3-DIOL 'C11 H26 N2 O6'
CA non-polymer 'CALCIUM ION' 'Ca 2'
#
# COMPACT_ATOMS: atom_id res chain seq x y z
N MET A 4 -22.98 -25.62 6.81
CA MET A 4 -23.70 -24.45 6.33
C MET A 4 -23.00 -23.86 5.11
N ALA A 5 -22.25 -24.71 4.42
CA ALA A 5 -21.50 -24.30 3.24
C ALA A 5 -22.33 -23.55 2.24
N LYS A 6 -21.71 -22.59 1.56
CA LYS A 6 -22.39 -21.81 0.56
C LYS A 6 -22.02 -22.33 -0.83
N THR A 7 -22.88 -22.06 -1.80
CA THR A 7 -22.60 -22.44 -3.17
C THR A 7 -21.71 -21.39 -3.81
N GLN A 8 -21.04 -21.77 -4.88
CA GLN A 8 -20.18 -20.84 -5.60
C GLN A 8 -21.00 -19.67 -6.13
N ALA A 9 -22.23 -19.95 -6.50
CA ALA A 9 -23.12 -18.91 -7.01
C ALA A 9 -23.48 -17.92 -5.91
N GLU A 10 -23.67 -18.43 -4.71
CA GLU A 10 -23.97 -17.57 -3.57
C GLU A 10 -22.75 -16.74 -3.19
N ILE A 11 -21.58 -17.34 -3.34
CA ILE A 11 -20.33 -16.67 -3.04
C ILE A 11 -20.06 -15.58 -4.06
N ASN A 12 -20.19 -15.92 -5.33
CA ASN A 12 -19.96 -14.97 -6.39
C ASN A 12 -20.92 -13.78 -6.33
N LYS A 13 -22.10 -14.03 -5.80
CA LYS A 13 -23.13 -13.03 -5.70
C LYS A 13 -22.87 -12.13 -4.50
N ARG A 14 -22.23 -12.71 -3.49
CA ARG A 14 -21.86 -11.98 -2.29
C ARG A 14 -20.69 -11.05 -2.59
N LEU A 15 -19.79 -11.51 -3.44
CA LEU A 15 -18.61 -10.74 -3.80
C LEU A 15 -18.96 -9.58 -4.72
N ASP A 16 -20.03 -9.73 -5.48
CA ASP A 16 -20.51 -8.69 -6.36
C ASP A 16 -21.25 -7.62 -5.58
N ALA A 17 -21.95 -8.03 -4.54
CA ALA A 17 -22.71 -7.12 -3.72
C ALA A 17 -21.81 -6.26 -2.84
N TYR A 18 -20.70 -6.83 -2.40
CA TYR A 18 -19.67 -6.09 -1.69
C TYR A 18 -19.17 -4.96 -2.57
N ALA A 19 -18.77 -5.32 -3.78
CA ALA A 19 -18.15 -4.39 -4.71
C ALA A 19 -19.12 -3.30 -5.17
N LYS A 20 -20.41 -3.60 -5.12
CA LYS A 20 -21.41 -2.65 -5.59
C LYS A 20 -21.97 -1.85 -4.44
N GLY A 21 -21.62 -2.25 -3.22
CA GLY A 21 -22.05 -1.54 -2.04
C GLY A 21 -23.47 -1.84 -1.66
N THR A 22 -23.95 -3.01 -2.04
CA THR A 22 -25.34 -3.37 -1.81
C THR A 22 -25.45 -4.69 -1.05
N VAL A 23 -24.36 -5.13 -0.45
CA VAL A 23 -24.31 -6.39 0.28
C VAL A 23 -25.34 -6.43 1.41
N ASP A 24 -25.88 -7.61 1.67
CA ASP A 24 -26.79 -7.76 2.78
C ASP A 24 -25.97 -8.02 4.04
N SER A 25 -25.74 -6.96 4.79
CA SER A 25 -24.97 -7.03 6.01
C SER A 25 -25.46 -5.95 6.95
N PRO A 26 -25.42 -6.20 8.25
CA PRO A 26 -25.78 -5.20 9.25
C PRO A 26 -24.61 -4.26 9.49
N TYR A 27 -23.49 -4.55 8.85
CA TYR A 27 -22.26 -3.80 9.05
C TYR A 27 -21.94 -2.95 7.83
N ARG A 28 -22.83 -2.97 6.86
CA ARG A 28 -22.66 -2.15 5.68
C ARG A 28 -23.11 -0.74 5.98
N ILE A 29 -22.31 0.23 5.57
CA ILE A 29 -22.62 1.62 5.80
C ILE A 29 -23.60 2.09 4.73
N LYS A 30 -24.74 2.59 5.17
CA LYS A 30 -25.80 2.93 4.25
C LYS A 30 -25.67 4.36 3.74
N LYS A 31 -25.31 5.27 4.64
CA LYS A 31 -25.08 6.67 4.29
C LYS A 31 -23.69 7.07 4.75
N ALA A 32 -23.12 8.09 4.12
CA ALA A 32 -21.75 8.53 4.46
C ALA A 32 -21.60 8.85 5.94
N THR A 33 -20.58 8.26 6.56
CA THR A 33 -20.47 8.29 8.01
C THR A 33 -19.05 8.49 8.50
N SER A 34 -18.90 9.21 9.59
CA SER A 34 -17.62 9.31 10.27
C SER A 34 -17.80 9.44 11.78
N TYR A 35 -16.88 8.83 12.53
CA TYR A 35 -16.87 8.91 13.97
C TYR A 35 -15.45 9.01 14.47
N ASP A 36 -14.51 8.76 13.58
CA ASP A 36 -13.09 8.91 13.89
C ASP A 36 -12.45 9.78 12.84
N PRO A 37 -12.12 11.02 13.20
CA PRO A 37 -11.56 12.01 12.28
C PRO A 37 -10.17 11.63 11.77
N SER A 38 -9.56 10.63 12.38
CA SER A 38 -8.26 10.15 11.96
C SER A 38 -8.35 9.34 10.67
N PHE A 39 -9.58 9.04 10.27
CA PHE A 39 -9.81 8.31 9.04
C PHE A 39 -10.75 9.07 8.15
N GLY A 40 -10.98 8.55 6.96
CA GLY A 40 -11.84 9.20 6.00
C GLY A 40 -13.28 8.90 6.28
N VAL A 41 -14.15 9.81 5.85
CA VAL A 41 -15.58 9.59 5.84
C VAL A 41 -15.92 8.33 5.08
N MET A 42 -16.53 7.38 5.77
CA MET A 42 -16.87 6.11 5.14
C MET A 42 -18.03 6.28 4.17
N GLU A 43 -17.83 5.78 2.96
CA GLU A 43 -18.85 5.88 1.94
C GLU A 43 -19.90 4.80 2.11
N ALA A 44 -21.06 5.02 1.51
CA ALA A 44 -22.07 3.99 1.43
C ALA A 44 -21.51 2.76 0.72
N GLY A 45 -21.57 1.61 1.39
CA GLY A 45 -21.07 0.37 0.84
C GLY A 45 -19.96 -0.21 1.68
N ALA A 46 -19.40 0.63 2.54
CA ALA A 46 -18.26 0.26 3.35
C ALA A 46 -18.67 -0.69 4.46
N ILE A 47 -17.76 -1.58 4.83
CA ILE A 47 -18.03 -2.55 5.87
C ILE A 47 -17.23 -2.23 7.11
N ASP A 48 -17.95 -1.91 8.19
CA ASP A 48 -17.36 -1.63 9.48
C ASP A 48 -17.95 -2.59 10.50
N ALA A 49 -17.22 -3.66 10.76
CA ALA A 49 -17.74 -4.80 11.53
C ALA A 49 -17.56 -4.66 13.02
N ASP A 50 -16.59 -3.84 13.44
CA ASP A 50 -16.35 -3.68 14.87
C ASP A 50 -16.76 -2.29 15.34
N GLY A 51 -16.78 -1.35 14.40
CA GLY A 51 -17.18 0.00 14.70
C GLY A 51 -16.01 0.88 15.08
N TYR A 52 -14.80 0.39 14.76
CA TYR A 52 -13.55 1.06 15.12
C TYR A 52 -12.64 1.15 13.95
N TYR A 53 -12.05 2.33 13.85
CA TYR A 53 -11.08 2.60 12.82
C TYR A 53 -11.73 2.47 11.47
N HIS A 54 -13.02 2.76 11.42
CA HIS A 54 -13.75 2.79 10.16
C HIS A 54 -13.58 1.49 9.38
N ALA A 55 -13.64 1.57 8.06
CA ALA A 55 -13.61 0.40 7.21
C ALA A 55 -12.23 -0.16 6.97
N GLN A 56 -11.71 -0.90 7.95
CA GLN A 56 -10.42 -1.51 7.84
C GLN A 56 -10.44 -2.73 6.95
N CYS A 57 -9.26 -3.29 6.69
CA CYS A 57 -9.12 -4.44 5.81
C CYS A 57 -9.80 -5.67 6.36
N GLN A 58 -9.63 -5.89 7.66
CA GLN A 58 -10.15 -7.08 8.31
C GLN A 58 -11.66 -7.05 8.43
N ASP A 59 -12.24 -5.87 8.53
CA ASP A 59 -13.69 -5.70 8.67
C ASP A 59 -14.50 -6.43 7.62
N LEU A 60 -13.96 -6.47 6.40
CA LEU A 60 -14.60 -7.17 5.30
C LEU A 60 -14.57 -8.67 5.51
N ILE A 61 -13.46 -9.15 6.06
CA ILE A 61 -13.25 -10.58 6.26
C ILE A 61 -14.07 -11.12 7.41
N THR A 62 -14.25 -10.33 8.47
CA THR A 62 -15.07 -10.78 9.58
C THR A 62 -16.55 -10.77 9.25
N ASP A 63 -16.96 -9.91 8.32
CA ASP A 63 -18.32 -9.92 7.85
C ASP A 63 -18.53 -11.09 6.91
N TYR A 64 -17.49 -11.40 6.14
CA TYR A 64 -17.52 -12.49 5.17
C TYR A 64 -17.58 -13.84 5.88
N VAL A 65 -16.64 -14.07 6.79
CA VAL A 65 -16.58 -15.29 7.57
C VAL A 65 -17.86 -15.48 8.38
N LEU A 66 -18.47 -14.37 8.78
CA LEU A 66 -19.69 -14.39 9.55
C LEU A 66 -20.84 -14.95 8.72
N TRP A 67 -20.84 -14.59 7.45
CA TRP A 67 -21.89 -15.00 6.53
C TRP A 67 -21.65 -16.42 6.03
N LEU A 68 -20.38 -16.79 5.89
CA LEU A 68 -20.02 -18.13 5.47
C LEU A 68 -20.40 -19.18 6.49
N THR A 69 -20.66 -18.73 7.72
CA THR A 69 -20.87 -19.66 8.82
C THR A 69 -22.14 -19.36 9.60
N ASP A 70 -23.03 -18.57 9.00
CA ASP A 70 -24.30 -18.20 9.62
C ASP A 70 -24.16 -17.60 11.01
N ASN A 71 -23.20 -16.68 11.14
CA ASN A 71 -22.95 -15.93 12.37
C ASN A 71 -22.49 -16.76 13.55
N LYS A 72 -21.77 -17.84 13.27
CA LYS A 72 -21.33 -18.74 14.31
C LYS A 72 -19.84 -18.61 14.63
N VAL A 73 -19.09 -18.07 13.68
CA VAL A 73 -17.66 -17.85 13.86
C VAL A 73 -17.34 -16.37 13.71
N ARG A 74 -16.98 -15.71 14.79
CA ARG A 74 -16.51 -14.33 14.68
C ARG A 74 -14.99 -14.25 14.79
N THR A 75 -14.39 -13.55 13.85
CA THR A 75 -12.95 -13.47 13.76
C THR A 75 -12.35 -12.62 14.88
N TRP A 76 -11.13 -12.95 15.27
CA TRP A 76 -10.40 -12.13 16.22
C TRP A 76 -9.09 -11.64 15.64
N GLY A 77 -8.63 -10.52 16.17
CA GLY A 77 -7.35 -9.95 15.80
C GLY A 77 -7.34 -9.23 14.47
N ASN A 78 -6.17 -9.18 13.86
CA ASN A 78 -6.02 -8.52 12.60
C ASN A 78 -5.79 -9.53 11.49
N ALA A 79 -5.33 -9.04 10.35
CA ALA A 79 -5.13 -9.86 9.18
C ALA A 79 -4.16 -11.02 9.41
N LYS A 80 -3.00 -10.74 9.99
CA LYS A 80 -2.00 -11.76 10.21
C LYS A 80 -2.42 -12.76 11.27
N ASP A 81 -3.45 -12.43 12.02
CA ASP A 81 -3.96 -13.30 13.07
C ASP A 81 -4.90 -14.37 12.53
N GLN A 82 -5.30 -14.21 11.27
CA GLN A 82 -6.31 -15.07 10.67
C GLN A 82 -5.78 -16.45 10.31
N ILE A 83 -4.48 -16.57 10.17
CA ILE A 83 -3.88 -17.87 9.93
C ILE A 83 -3.47 -18.51 11.25
N LYS A 84 -3.86 -17.87 12.35
CA LYS A 84 -3.53 -18.36 13.67
C LYS A 84 -4.79 -18.78 14.41
N GLN A 85 -5.89 -18.88 13.68
CA GLN A 85 -7.15 -19.33 14.25
C GLN A 85 -7.86 -20.23 13.25
N SER A 86 -9.04 -20.70 13.64
CA SER A 86 -9.80 -21.61 12.81
C SER A 86 -11.16 -21.04 12.48
N TYR A 87 -11.58 -21.22 11.23
CA TYR A 87 -12.89 -20.77 10.81
C TYR A 87 -13.88 -21.93 10.81
N GLY A 88 -13.37 -23.14 11.00
CA GLY A 88 -14.20 -24.31 11.06
C GLY A 88 -13.92 -25.32 9.97
N THR A 89 -14.78 -26.32 9.87
CA THR A 89 -14.61 -27.40 8.90
C THR A 89 -14.87 -26.92 7.49
N GLY A 90 -13.94 -27.24 6.59
CA GLY A 90 -14.05 -26.85 5.21
C GLY A 90 -13.06 -25.78 4.85
N PHE A 91 -12.65 -25.03 5.86
CA PHE A 91 -11.67 -23.98 5.69
C PHE A 91 -10.25 -24.53 5.77
N LYS A 92 -9.43 -24.15 4.80
CA LYS A 92 -8.08 -24.64 4.73
C LYS A 92 -7.09 -23.51 4.48
N ILE A 93 -5.99 -23.55 5.21
CA ILE A 93 -4.94 -22.57 5.07
C ILE A 93 -3.85 -23.08 4.15
N HIS A 94 -3.55 -22.32 3.12
CA HIS A 94 -2.52 -22.70 2.17
C HIS A 94 -1.41 -21.68 2.16
N GLU A 95 -0.18 -22.14 2.02
CA GLU A 95 0.92 -21.23 1.84
C GLU A 95 0.97 -20.83 0.39
N ASN A 96 1.27 -19.57 0.14
CA ASN A 96 1.42 -19.09 -1.21
C ASN A 96 2.81 -19.34 -1.72
N LYS A 97 2.94 -20.18 -2.73
CA LYS A 97 4.20 -20.40 -3.41
C LYS A 97 4.00 -20.04 -4.87
N PRO A 98 5.09 -19.91 -5.64
CA PRO A 98 4.98 -19.47 -7.03
C PRO A 98 3.97 -20.24 -7.87
N SER A 99 3.67 -21.48 -7.53
CA SER A 99 2.74 -22.28 -8.32
C SER A 99 1.32 -22.25 -7.77
N THR A 100 1.11 -21.50 -6.70
CA THR A 100 -0.19 -21.46 -6.05
C THR A 100 -1.10 -20.40 -6.65
N VAL A 101 -2.17 -20.85 -7.29
CA VAL A 101 -3.20 -19.98 -7.82
C VAL A 101 -4.49 -20.19 -7.05
N PRO A 102 -5.05 -19.11 -6.52
CA PRO A 102 -6.24 -19.22 -5.68
C PRO A 102 -7.53 -19.32 -6.48
N LYS A 103 -8.63 -19.52 -5.77
CA LYS A 103 -9.92 -19.61 -6.39
C LYS A 103 -10.80 -18.49 -5.88
N LYS A 104 -11.81 -18.14 -6.65
CA LYS A 104 -12.73 -17.07 -6.28
C LYS A 104 -13.39 -17.37 -4.96
N GLY A 105 -13.43 -16.36 -4.09
CA GLY A 105 -14.02 -16.53 -2.78
C GLY A 105 -13.00 -16.84 -1.72
N TRP A 106 -11.79 -17.21 -2.13
CA TRP A 106 -10.72 -17.46 -1.19
C TRP A 106 -10.25 -16.17 -0.54
N ILE A 107 -9.62 -16.32 0.62
CA ILE A 107 -9.11 -15.19 1.37
C ILE A 107 -7.60 -15.08 1.22
N ALA A 108 -7.13 -13.91 0.83
CA ALA A 108 -5.70 -13.68 0.66
C ALA A 108 -5.08 -12.94 1.84
N VAL A 109 -3.97 -13.47 2.35
CA VAL A 109 -3.32 -12.91 3.52
C VAL A 109 -1.91 -12.41 3.24
N PHE A 110 -1.68 -11.14 3.56
CA PHE A 110 -0.43 -10.47 3.29
C PHE A 110 0.32 -10.19 4.58
N THR A 111 1.36 -10.96 4.83
CA THR A 111 2.11 -10.80 6.08
C THR A 111 3.61 -10.58 5.87
N SER A 112 4.00 -10.21 4.66
CA SER A 112 5.39 -9.87 4.40
C SER A 112 5.52 -8.66 3.48
N GLY A 113 6.74 -8.36 3.08
CA GLY A 113 7.00 -7.19 2.28
C GLY A 113 6.87 -5.91 3.08
N SER A 114 6.49 -4.84 2.41
CA SER A 114 6.37 -3.55 3.05
C SER A 114 4.98 -3.31 3.58
N TYR A 115 4.22 -4.38 3.77
CA TYR A 115 2.88 -4.24 4.31
C TYR A 115 2.92 -3.93 5.80
N GLN A 116 1.78 -3.51 6.33
CA GLN A 116 1.63 -3.31 7.76
C GLN A 116 2.07 -4.55 8.49
N GLN A 117 2.53 -4.36 9.72
CA GLN A 117 3.04 -5.44 10.52
C GLN A 117 1.89 -6.34 10.96
N TRP A 118 0.70 -5.77 11.01
CA TRP A 118 -0.49 -6.52 11.37
C TRP A 118 -1.22 -7.06 10.15
N GLY A 119 -0.65 -6.81 8.99
CA GLY A 119 -1.11 -7.45 7.77
C GLY A 119 -2.23 -6.79 7.00
N HIS A 120 -2.32 -7.18 5.74
CA HIS A 120 -3.44 -6.83 4.87
C HIS A 120 -4.17 -8.09 4.48
N ILE A 121 -5.45 -7.94 4.18
CA ILE A 121 -6.28 -9.08 3.88
C ILE A 121 -7.38 -8.71 2.89
N GLY A 122 -7.83 -9.70 2.14
CA GLY A 122 -8.89 -9.49 1.19
C GLY A 122 -9.41 -10.77 0.57
N ILE A 123 -10.39 -10.63 -0.31
CA ILE A 123 -11.03 -11.78 -0.91
C ILE A 123 -10.66 -11.91 -2.38
N VAL A 124 -10.30 -13.11 -2.78
CA VAL A 124 -9.99 -13.40 -4.16
C VAL A 124 -11.25 -13.29 -5.00
N TYR A 125 -11.31 -12.27 -5.86
CA TYR A 125 -12.44 -12.08 -6.75
C TYR A 125 -12.26 -12.85 -8.05
N ASP A 126 -11.03 -12.89 -8.56
CA ASP A 126 -10.72 -13.69 -9.72
C ASP A 126 -9.42 -14.40 -9.45
N GLY A 127 -9.43 -15.72 -9.61
CA GLY A 127 -8.25 -16.53 -9.34
C GLY A 127 -7.07 -16.17 -10.20
N GLY A 128 -7.35 -15.73 -11.41
CA GLY A 128 -6.30 -15.30 -12.31
C GLY A 128 -5.31 -16.38 -12.66
N ASN A 129 -4.03 -16.05 -12.57
CA ASN A 129 -2.98 -16.99 -12.87
C ASN A 129 -1.80 -16.92 -11.92
N THR A 130 -0.65 -17.32 -12.41
CA THR A 130 0.54 -17.46 -11.58
C THR A 130 1.21 -16.11 -11.35
N SER A 131 0.92 -15.16 -12.23
CA SER A 131 1.54 -13.85 -12.18
C SER A 131 0.68 -12.85 -11.43
N THR A 132 -0.60 -12.81 -11.77
CA THR A 132 -1.52 -11.87 -11.15
C THR A 132 -2.86 -12.51 -10.86
N PHE A 133 -3.62 -11.89 -9.96
CA PHE A 133 -4.99 -12.26 -9.72
C PHE A 133 -5.73 -10.99 -9.29
N THR A 134 -7.04 -11.09 -9.12
CA THR A 134 -7.81 -9.95 -8.69
C THR A 134 -8.32 -10.12 -7.27
N ILE A 135 -8.16 -9.07 -6.47
CA ILE A 135 -8.57 -9.08 -5.08
C ILE A 135 -9.67 -8.07 -4.85
N LEU A 136 -10.54 -8.36 -3.90
CA LEU A 136 -11.49 -7.40 -3.39
C LEU A 136 -11.11 -7.14 -1.95
N GLU A 137 -10.83 -5.89 -1.64
CA GLU A 137 -10.23 -5.56 -0.35
C GLU A 137 -10.74 -4.23 0.16
N GLN A 138 -10.49 -3.99 1.44
CA GLN A 138 -10.74 -2.69 2.04
C GLN A 138 -9.44 -2.14 2.61
N ASN A 139 -9.33 -0.82 2.62
CA ASN A 139 -8.23 -0.10 3.27
C ASN A 139 -6.83 -0.36 2.71
N TRP A 140 -6.69 -0.34 1.40
CA TRP A 140 -5.38 -0.41 0.81
C TRP A 140 -4.81 1.00 0.76
N ASN A 141 -5.68 1.99 0.83
CA ASN A 141 -5.28 3.39 0.85
C ASN A 141 -4.82 3.83 2.23
N GLY A 142 -5.09 3.01 3.22
CA GLY A 142 -4.70 3.28 4.59
C GLY A 142 -5.61 4.28 5.27
N TYR A 143 -6.70 4.64 4.61
CA TYR A 143 -7.55 5.71 5.11
C TYR A 143 -8.92 5.20 5.58
N ALA A 144 -9.21 3.94 5.28
CA ALA A 144 -10.38 3.23 5.82
C ALA A 144 -11.74 3.82 5.48
N ASN A 145 -11.90 4.38 4.30
CA ASN A 145 -13.14 5.07 3.94
C ASN A 145 -13.88 4.45 2.77
N LYS A 146 -13.14 3.81 1.88
CA LYS A 146 -13.71 3.25 0.68
C LYS A 146 -14.34 1.88 0.93
N LYS A 147 -15.37 1.58 0.16
CA LYS A 147 -16.01 0.28 0.19
C LYS A 147 -15.08 -0.73 -0.48
N PRO A 148 -15.40 -2.04 -0.37
CA PRO A 148 -14.52 -3.04 -1.00
C PRO A 148 -14.25 -2.76 -2.47
N THR A 149 -12.97 -2.68 -2.81
CA THR A 149 -12.54 -2.27 -4.13
C THR A 149 -11.68 -3.35 -4.77
N LYS A 150 -11.85 -3.53 -6.07
CA LYS A 150 -11.06 -4.49 -6.82
C LYS A 150 -9.67 -3.95 -7.14
N ARG A 151 -8.67 -4.81 -6.97
CA ARG A 151 -7.32 -4.47 -7.33
C ARG A 151 -6.66 -5.69 -7.93
N VAL A 152 -5.79 -5.48 -8.90
CA VAL A 152 -5.02 -6.58 -9.44
C VAL A 152 -3.75 -6.73 -8.63
N ASP A 153 -3.58 -7.88 -8.00
CA ASP A 153 -2.40 -8.13 -7.18
C ASP A 153 -1.40 -9.03 -7.88
N ASN A 154 -0.14 -8.94 -7.48
CA ASN A 154 0.92 -9.73 -8.10
C ASN A 154 1.62 -10.65 -7.11
N TYR A 155 0.91 -11.05 -6.06
CA TYR A 155 1.42 -11.94 -5.02
C TYR A 155 2.56 -11.36 -4.18
N TYR A 156 2.74 -10.06 -4.23
CA TYR A 156 3.73 -9.41 -3.40
C TYR A 156 3.24 -9.29 -1.96
N GLY A 157 4.02 -9.85 -1.05
CA GLY A 157 3.71 -9.79 0.37
C GLY A 157 2.66 -10.79 0.80
N LEU A 158 2.14 -11.52 -0.18
CA LEU A 158 1.10 -12.50 0.03
C LEU A 158 1.71 -13.84 0.42
N THR A 159 1.37 -14.30 1.62
CA THR A 159 2.03 -15.45 2.21
C THR A 159 1.11 -16.65 2.34
N HIS A 160 -0.18 -16.38 2.48
CA HIS A 160 -1.17 -17.42 2.73
C HIS A 160 -2.50 -17.15 2.03
N PHE A 161 -3.17 -18.23 1.62
CA PHE A 161 -4.55 -18.16 1.19
C PHE A 161 -5.36 -19.01 2.14
N ILE A 162 -6.59 -18.61 2.40
CA ILE A 162 -7.49 -19.45 3.17
C ILE A 162 -8.60 -19.95 2.27
N GLU A 163 -8.60 -21.26 2.03
CA GLU A 163 -9.65 -21.86 1.23
C GLU A 163 -10.94 -21.89 2.03
N ILE A 164 -12.06 -21.65 1.35
CA ILE A 164 -13.35 -21.68 2.01
C ILE A 164 -14.16 -22.90 1.57
N PRO A 165 -15.15 -23.30 2.38
CA PRO A 165 -16.07 -24.37 2.03
C PRO A 165 -17.05 -23.96 0.95
N VAL A 166 -17.16 -24.77 -0.09
CA VAL A 166 -18.13 -24.56 -1.13
C VAL A 166 -18.99 -25.79 -1.29
N LYS A 167 -20.29 -25.60 -1.44
CA LYS A 167 -21.19 -26.70 -1.72
C LYS A 167 -20.82 -27.39 -3.03
N MET B 4 24.12 23.03 -10.40
CA MET B 4 24.35 22.27 -9.17
C MET B 4 24.16 20.78 -9.40
N ALA B 5 24.08 20.38 -10.66
CA ALA B 5 23.84 18.99 -11.03
C ALA B 5 24.83 18.03 -10.40
N LYS B 6 24.35 16.82 -10.11
CA LYS B 6 25.17 15.80 -9.50
C LYS B 6 25.51 14.75 -10.54
N THR B 7 26.57 14.00 -10.30
CA THR B 7 26.94 12.91 -11.18
C THR B 7 26.12 11.68 -10.85
N GLN B 8 26.03 10.75 -11.79
CA GLN B 8 25.28 9.53 -11.57
C GLN B 8 25.93 8.67 -10.49
N ALA B 9 27.22 8.86 -10.29
CA ALA B 9 27.94 8.16 -9.24
C ALA B 9 27.54 8.68 -7.88
N GLU B 10 27.36 9.99 -7.80
CA GLU B 10 26.99 10.65 -6.55
C GLU B 10 25.55 10.36 -6.19
N ILE B 11 24.73 10.16 -7.20
CA ILE B 11 23.33 9.87 -7.00
C ILE B 11 23.18 8.44 -6.49
N ASN B 12 23.82 7.50 -7.16
CA ASN B 12 23.83 6.12 -6.71
C ASN B 12 24.34 6.01 -5.28
N LYS B 13 25.33 6.82 -4.96
CA LYS B 13 25.91 6.86 -3.63
C LYS B 13 24.89 7.37 -2.64
N ARG B 14 24.07 8.30 -3.09
CA ARG B 14 23.05 8.90 -2.24
C ARG B 14 21.91 7.94 -1.98
N LEU B 15 21.63 7.10 -2.96
CA LEU B 15 20.54 6.15 -2.86
C LEU B 15 20.90 4.97 -1.98
N ASP B 16 22.13 4.49 -2.11
CA ASP B 16 22.59 3.39 -1.29
C ASP B 16 22.66 3.80 0.16
N ALA B 17 22.98 5.06 0.42
CA ALA B 17 23.09 5.57 1.77
C ALA B 17 21.74 5.74 2.41
N TYR B 18 20.74 6.05 1.59
CA TYR B 18 19.36 6.16 2.04
C TYR B 18 18.87 4.83 2.58
N ALA B 19 19.07 3.78 1.78
CA ALA B 19 18.67 2.44 2.13
C ALA B 19 19.49 1.84 3.27
N LYS B 20 20.75 2.22 3.37
CA LYS B 20 21.63 1.71 4.41
C LYS B 20 21.37 2.36 5.74
N GLY B 21 20.78 3.55 5.72
CA GLY B 21 20.46 4.29 6.92
C GLY B 21 21.61 5.14 7.40
N THR B 22 22.53 5.46 6.50
CA THR B 22 23.74 6.18 6.85
C THR B 22 23.93 7.46 6.04
N VAL B 23 22.83 8.02 5.54
CA VAL B 23 22.92 9.12 4.59
C VAL B 23 23.32 10.43 5.25
N ASP B 24 24.06 11.24 4.51
CA ASP B 24 24.46 12.56 5.00
C ASP B 24 23.29 13.53 4.89
N SER B 25 22.45 13.52 5.91
CA SER B 25 21.31 14.41 5.96
C SER B 25 21.07 14.83 7.40
N PRO B 26 20.68 16.09 7.60
CA PRO B 26 20.30 16.56 8.93
C PRO B 26 18.91 16.11 9.29
N TYR B 27 18.23 15.51 8.31
CA TYR B 27 16.86 15.08 8.47
C TYR B 27 16.76 13.60 8.77
N ARG B 28 17.90 12.91 8.71
CA ARG B 28 17.94 11.52 9.08
C ARG B 28 17.87 11.37 10.59
N ILE B 29 17.05 10.43 11.05
CA ILE B 29 16.96 10.14 12.46
C ILE B 29 18.15 9.28 12.88
N LYS B 30 18.84 9.71 13.92
CA LYS B 30 20.09 9.06 14.32
C LYS B 30 19.83 7.93 15.30
N LYS B 31 18.81 8.10 16.13
CA LYS B 31 18.37 7.03 17.03
C LYS B 31 16.86 7.03 17.11
N ALA B 32 16.30 5.87 17.43
CA ALA B 32 14.85 5.66 17.50
C ALA B 32 14.11 6.81 18.17
N THR B 33 13.13 7.35 17.46
CA THR B 33 12.47 8.58 17.89
C THR B 33 10.97 8.52 17.67
N SER B 34 10.22 9.02 18.63
CA SER B 34 8.78 9.12 18.48
C SER B 34 8.30 10.45 19.01
N TYR B 35 7.36 11.07 18.29
CA TYR B 35 6.73 12.30 18.76
C TYR B 35 5.22 12.30 18.49
N ASP B 36 4.81 11.52 17.51
CA ASP B 36 3.39 11.37 17.19
C ASP B 36 3.00 9.91 17.36
N PRO B 37 2.22 9.62 18.40
CA PRO B 37 1.82 8.25 18.77
C PRO B 37 0.94 7.58 17.74
N SER B 38 0.36 8.38 16.84
CA SER B 38 -0.47 7.87 15.77
C SER B 38 0.35 7.13 14.74
N PHE B 39 1.67 7.22 14.86
CA PHE B 39 2.58 6.55 13.96
C PHE B 39 3.57 5.72 14.73
N GLY B 40 4.37 4.96 14.01
CA GLY B 40 5.33 4.09 14.63
C GLY B 40 6.62 4.81 14.93
N VAL B 41 7.37 4.26 15.87
CA VAL B 41 8.64 4.84 16.24
C VAL B 41 9.59 4.77 15.08
N MET B 42 10.13 5.92 14.68
CA MET B 42 11.03 6.00 13.55
C MET B 42 12.36 5.36 13.87
N GLU B 43 12.79 4.45 13.00
CA GLU B 43 14.07 3.80 13.17
C GLU B 43 15.20 4.66 12.66
N ALA B 44 16.40 4.36 13.11
CA ALA B 44 17.60 5.06 12.65
C ALA B 44 17.77 4.90 11.15
N GLY B 45 17.79 6.03 10.45
CA GLY B 45 17.93 6.03 9.01
C GLY B 45 16.72 6.63 8.34
N ALA B 46 15.68 6.83 9.11
CA ALA B 46 14.44 7.34 8.57
C ALA B 46 14.52 8.85 8.35
N ILE B 47 13.86 9.32 7.32
CA ILE B 47 13.95 10.72 6.92
C ILE B 47 12.70 11.48 7.29
N ASP B 48 12.83 12.35 8.27
CA ASP B 48 11.76 13.26 8.65
C ASP B 48 12.22 14.68 8.35
N ALA B 49 11.72 15.22 7.24
CA ALA B 49 12.19 16.51 6.75
C ALA B 49 11.37 17.70 7.21
N ASP B 50 10.25 17.45 7.89
CA ASP B 50 9.38 18.55 8.30
C ASP B 50 8.99 18.51 9.75
N GLY B 51 9.36 17.43 10.42
CA GLY B 51 9.04 17.27 11.82
C GLY B 51 7.57 16.94 12.00
N TYR B 52 6.94 16.45 10.94
CA TYR B 52 5.53 16.14 11.04
C TYR B 52 5.15 14.76 10.53
N TYR B 53 4.30 14.10 11.30
CA TYR B 53 3.73 12.80 10.96
C TYR B 53 4.81 11.77 10.70
N HIS B 54 5.91 11.85 11.45
CA HIS B 54 7.03 10.95 11.30
C HIS B 54 7.56 10.83 9.87
N ALA B 55 8.11 9.68 9.52
CA ALA B 55 8.79 9.50 8.24
C ALA B 55 7.86 9.15 7.08
N GLN B 56 7.26 10.17 6.50
CA GLN B 56 6.35 9.99 5.38
C GLN B 56 7.04 9.70 4.06
N CYS B 57 6.24 9.41 3.05
CA CYS B 57 6.73 9.10 1.73
C CYS B 57 7.40 10.31 1.12
N GLN B 58 6.74 11.45 1.22
CA GLN B 58 7.19 12.69 0.62
C GLN B 58 8.45 13.23 1.30
N ASP B 59 8.62 12.91 2.57
CA ASP B 59 9.77 13.38 3.34
C ASP B 59 11.09 12.99 2.70
N LEU B 60 11.14 11.81 2.10
CA LEU B 60 12.32 11.34 1.40
C LEU B 60 12.61 12.17 0.17
N ILE B 61 11.55 12.61 -0.49
CA ILE B 61 11.66 13.41 -1.70
C ILE B 61 12.05 14.84 -1.38
N THR B 62 11.57 15.37 -0.26
CA THR B 62 11.95 16.71 0.17
C THR B 62 13.45 16.78 0.42
N ASP B 63 13.98 15.79 1.12
CA ASP B 63 15.40 15.70 1.41
C ASP B 63 16.20 15.53 0.12
N TYR B 64 15.70 14.68 -0.77
CA TYR B 64 16.36 14.36 -2.01
C TYR B 64 16.51 15.59 -2.90
N VAL B 65 15.42 16.32 -3.09
CA VAL B 65 15.45 17.52 -3.91
C VAL B 65 16.33 18.59 -3.28
N LEU B 66 16.34 18.66 -1.96
CA LEU B 66 17.18 19.61 -1.26
C LEU B 66 18.66 19.33 -1.54
N TRP B 67 19.01 18.06 -1.64
CA TRP B 67 20.38 17.67 -1.89
C TRP B 67 20.76 17.83 -3.36
N LEU B 68 19.78 17.67 -4.24
CA LEU B 68 20.01 17.79 -5.66
C LEU B 68 20.14 19.25 -6.06
N THR B 69 19.58 20.14 -5.25
CA THR B 69 19.53 21.55 -5.58
C THR B 69 20.38 22.37 -4.63
N ASP B 70 21.15 21.69 -3.79
CA ASP B 70 21.98 22.35 -2.80
C ASP B 70 21.16 23.27 -1.89
N ASN B 71 20.05 22.75 -1.40
CA ASN B 71 19.17 23.45 -0.47
C ASN B 71 18.56 24.72 -1.04
N LYS B 72 18.23 24.70 -2.32
CA LYS B 72 17.67 25.88 -2.97
C LYS B 72 16.20 25.73 -3.28
N VAL B 73 15.76 24.50 -3.46
CA VAL B 73 14.37 24.22 -3.77
C VAL B 73 13.78 23.35 -2.69
N ARG B 74 12.87 23.91 -1.90
CA ARG B 74 12.15 23.12 -0.92
C ARG B 74 10.75 22.76 -1.42
N THR B 75 10.44 21.48 -1.37
CA THR B 75 9.18 20.98 -1.87
C THR B 75 7.97 21.44 -1.05
N TRP B 76 6.84 21.61 -1.74
CA TRP B 76 5.59 21.91 -1.07
C TRP B 76 4.55 20.84 -1.34
N GLY B 77 3.75 20.55 -0.33
CA GLY B 77 2.62 19.66 -0.47
C GLY B 77 2.94 18.19 -0.35
N ASN B 78 2.14 17.38 -1.01
CA ASN B 78 2.31 15.94 -0.94
C ASN B 78 2.82 15.36 -2.25
N ALA B 79 2.70 14.06 -2.37
CA ALA B 79 3.23 13.32 -3.50
C ALA B 79 2.63 13.79 -4.81
N LYS B 80 1.32 13.91 -4.85
CA LYS B 80 0.63 14.29 -6.08
C LYS B 80 0.89 15.74 -6.48
N ASP B 81 1.28 16.57 -5.53
CA ASP B 81 1.51 17.98 -5.80
C ASP B 81 2.87 18.24 -6.41
N GLN B 82 3.69 17.20 -6.51
CA GLN B 82 5.05 17.35 -6.99
C GLN B 82 5.11 17.51 -8.49
N ILE B 83 4.02 17.15 -9.16
CA ILE B 83 3.94 17.35 -10.60
C ILE B 83 3.21 18.63 -10.88
N LYS B 84 2.92 19.39 -9.82
CA LYS B 84 2.29 20.69 -9.92
C LYS B 84 3.28 21.77 -9.51
N GLN B 85 4.56 21.43 -9.52
CA GLN B 85 5.60 22.38 -9.17
C GLN B 85 6.87 22.08 -9.94
N SER B 86 7.88 22.92 -9.73
CA SER B 86 9.15 22.75 -10.42
C SER B 86 10.28 22.55 -9.44
N TYR B 87 11.32 21.85 -9.88
CA TYR B 87 12.49 21.66 -9.06
C TYR B 87 13.68 22.42 -9.65
N GLY B 88 13.49 23.01 -10.82
CA GLY B 88 14.54 23.76 -11.48
C GLY B 88 14.85 23.22 -12.87
N THR B 89 15.94 23.71 -13.47
CA THR B 89 16.32 23.23 -14.79
C THR B 89 16.95 21.85 -14.72
N GLY B 90 16.63 21.01 -15.70
CA GLY B 90 17.13 19.66 -15.73
C GLY B 90 16.07 18.70 -15.26
N PHE B 91 15.13 19.23 -14.49
CA PHE B 91 13.99 18.46 -14.01
C PHE B 91 12.88 18.47 -15.04
N LYS B 92 12.47 17.29 -15.47
CA LYS B 92 11.42 17.15 -16.45
C LYS B 92 10.37 16.16 -15.96
N ILE B 93 9.11 16.49 -16.17
CA ILE B 93 8.03 15.60 -15.79
C ILE B 93 7.54 14.77 -16.96
N HIS B 94 7.55 13.45 -16.80
CA HIS B 94 7.12 12.52 -17.83
C HIS B 94 5.90 11.73 -17.40
N GLU B 95 4.93 11.62 -18.30
CA GLU B 95 3.83 10.68 -18.09
C GLU B 95 4.35 9.26 -18.17
N ASN B 96 3.81 8.38 -17.34
CA ASN B 96 4.14 6.98 -17.41
C ASN B 96 3.30 6.28 -18.46
N LYS B 97 3.94 5.98 -19.59
CA LYS B 97 3.28 5.27 -20.66
C LYS B 97 3.73 3.81 -20.60
N PRO B 98 2.98 2.91 -21.26
CA PRO B 98 3.29 1.49 -21.17
C PRO B 98 4.70 1.14 -21.65
N SER B 99 5.30 2.01 -22.44
CA SER B 99 6.64 1.77 -22.97
C SER B 99 7.70 2.40 -22.07
N THR B 100 7.27 3.32 -21.22
CA THR B 100 8.17 4.12 -20.41
C THR B 100 8.97 3.30 -19.41
N VAL B 101 10.28 3.45 -19.46
CA VAL B 101 11.18 2.84 -18.48
C VAL B 101 12.10 3.89 -17.88
N PRO B 102 11.95 4.14 -16.57
CA PRO B 102 12.69 5.21 -15.90
C PRO B 102 14.16 4.89 -15.72
N LYS B 103 14.89 5.85 -15.17
CA LYS B 103 16.30 5.66 -14.90
C LYS B 103 16.57 5.86 -13.42
N LYS B 104 17.69 5.33 -12.95
CA LYS B 104 18.07 5.40 -11.56
C LYS B 104 18.30 6.82 -11.12
N GLY B 105 17.46 7.28 -10.19
CA GLY B 105 17.59 8.60 -9.64
C GLY B 105 16.34 9.41 -9.88
N TRP B 106 15.50 8.90 -10.77
CA TRP B 106 14.23 9.57 -11.06
C TRP B 106 13.26 9.42 -9.90
N ILE B 107 12.19 10.18 -9.95
CA ILE B 107 11.19 10.13 -8.93
C ILE B 107 9.93 9.51 -9.49
N ALA B 108 9.37 8.55 -8.76
CA ALA B 108 8.14 7.89 -9.17
C ALA B 108 6.94 8.43 -8.39
N VAL B 109 5.90 8.81 -9.12
CA VAL B 109 4.73 9.40 -8.52
C VAL B 109 3.47 8.56 -8.72
N PHE B 110 2.86 8.15 -7.62
CA PHE B 110 1.70 7.30 -7.64
C PHE B 110 0.46 8.08 -7.29
N THR B 111 -0.41 8.24 -8.27
CA THR B 111 -1.52 9.17 -8.22
C THR B 111 -2.85 8.45 -8.39
N SER B 112 -2.81 7.36 -9.14
CA SER B 112 -3.99 6.59 -9.45
C SER B 112 -4.09 5.30 -8.67
N GLY B 113 -5.24 4.62 -8.80
CA GLY B 113 -5.46 3.35 -8.16
C GLY B 113 -6.01 3.47 -6.75
N SER B 114 -5.62 2.50 -5.92
CA SER B 114 -6.10 2.43 -4.56
C SER B 114 -5.18 3.15 -3.59
N TYR B 115 -4.17 3.82 -4.11
CA TYR B 115 -3.26 4.60 -3.30
C TYR B 115 -3.97 5.79 -2.65
N GLN B 116 -3.33 6.37 -1.64
CA GLN B 116 -3.80 7.57 -0.97
C GLN B 116 -4.24 8.63 -1.97
N GLN B 117 -5.21 9.44 -1.57
CA GLN B 117 -5.70 10.50 -2.42
C GLN B 117 -4.63 11.59 -2.56
N TRP B 118 -3.77 11.70 -1.57
CA TRP B 118 -2.67 12.65 -1.62
C TRP B 118 -1.45 12.08 -2.34
N GLY B 119 -1.51 10.81 -2.66
CA GLY B 119 -0.50 10.18 -3.49
C GLY B 119 0.65 9.53 -2.76
N HIS B 120 1.40 8.73 -3.50
CA HIS B 120 2.58 8.08 -2.98
C HIS B 120 3.75 8.44 -3.87
N ILE B 121 4.97 8.28 -3.35
CA ILE B 121 6.13 8.77 -4.06
C ILE B 121 7.41 8.07 -3.62
N GLY B 122 8.35 7.94 -4.54
CA GLY B 122 9.61 7.33 -4.22
C GLY B 122 10.68 7.55 -5.27
N ILE B 123 11.87 7.04 -4.99
CA ILE B 123 12.98 7.18 -5.90
C ILE B 123 13.21 5.87 -6.65
N VAL B 124 13.55 5.98 -7.93
CA VAL B 124 13.84 4.82 -8.74
C VAL B 124 15.21 4.29 -8.37
N TYR B 125 15.26 3.10 -7.80
CA TYR B 125 16.54 2.51 -7.41
C TYR B 125 17.14 1.74 -8.57
N ASP B 126 16.29 1.15 -9.39
CA ASP B 126 16.74 0.51 -10.61
C ASP B 126 15.68 0.69 -11.66
N GLY B 127 16.11 1.02 -12.87
CA GLY B 127 15.19 1.33 -13.94
C GLY B 127 14.40 0.14 -14.41
N GLY B 128 15.02 -1.02 -14.37
CA GLY B 128 14.37 -2.26 -14.73
C GLY B 128 13.88 -2.32 -16.16
N ASN B 129 12.58 -2.53 -16.31
CA ASN B 129 11.98 -2.66 -17.62
C ASN B 129 10.54 -2.19 -17.67
N THR B 130 9.79 -2.67 -18.65
CA THR B 130 8.41 -2.24 -18.84
C THR B 130 7.46 -2.93 -17.87
N SER B 131 7.92 -4.02 -17.27
CA SER B 131 7.11 -4.76 -16.33
C SER B 131 7.39 -4.31 -14.90
N THR B 132 8.65 -4.35 -14.51
CA THR B 132 9.02 -4.00 -13.15
C THR B 132 10.26 -3.12 -13.08
N PHE B 133 10.31 -2.33 -12.01
CA PHE B 133 11.49 -1.57 -11.65
C PHE B 133 11.59 -1.56 -10.14
N THR B 134 12.75 -1.22 -9.61
CA THR B 134 12.92 -1.18 -8.18
C THR B 134 12.81 0.24 -7.63
N ILE B 135 11.86 0.44 -6.71
CA ILE B 135 11.68 1.72 -6.07
C ILE B 135 12.37 1.75 -4.71
N LEU B 136 12.69 2.95 -4.25
CA LEU B 136 13.19 3.14 -2.90
C LEU B 136 12.26 4.14 -2.27
N GLU B 137 11.43 3.67 -1.34
CA GLU B 137 10.36 4.51 -0.82
C GLU B 137 10.30 4.56 0.69
N GLN B 138 9.48 5.48 1.18
CA GLN B 138 9.12 5.54 2.58
C GLN B 138 7.62 5.42 2.72
N ASN B 139 7.17 4.89 3.85
CA ASN B 139 5.76 4.85 4.23
C ASN B 139 4.84 4.11 3.27
N TRP B 140 5.25 2.95 2.80
CA TRP B 140 4.37 2.11 1.99
C TRP B 140 3.52 1.28 2.93
N ASN B 141 3.97 1.16 4.17
CA ASN B 141 3.21 0.43 5.18
C ASN B 141 2.19 1.30 5.89
N GLY B 142 2.31 2.60 5.69
CA GLY B 142 1.36 3.55 6.23
C GLY B 142 1.54 3.87 7.70
N TYR B 143 2.65 3.41 8.27
CA TYR B 143 2.90 3.63 9.70
C TYR B 143 4.02 4.64 9.95
N ALA B 144 4.74 4.97 8.88
CA ALA B 144 5.75 6.04 8.87
C ALA B 144 6.89 5.82 9.85
N ASN B 145 7.28 4.57 10.03
CA ASN B 145 8.32 4.24 10.99
C ASN B 145 9.61 3.75 10.34
N LYS B 146 9.50 3.17 9.17
CA LYS B 146 10.66 2.60 8.51
C LYS B 146 11.45 3.62 7.71
N LYS B 147 12.74 3.33 7.55
CA LYS B 147 13.62 4.09 6.69
C LYS B 147 13.35 3.74 5.23
N PRO B 148 14.01 4.42 4.28
CA PRO B 148 13.83 4.07 2.87
C PRO B 148 14.08 2.61 2.58
N THR B 149 13.07 1.98 2.00
CA THR B 149 13.09 0.54 1.75
C THR B 149 12.91 0.27 0.27
N LYS B 150 13.61 -0.74 -0.23
CA LYS B 150 13.47 -1.14 -1.63
C LYS B 150 12.26 -2.01 -1.85
N ARG B 151 11.62 -1.80 -2.99
CA ARG B 151 10.49 -2.61 -3.39
C ARG B 151 10.48 -2.79 -4.89
N VAL B 152 10.02 -3.93 -5.36
CA VAL B 152 9.78 -4.12 -6.78
C VAL B 152 8.35 -3.72 -7.12
N ASP B 153 8.21 -2.72 -7.98
CA ASP B 153 6.91 -2.18 -8.36
C ASP B 153 6.57 -2.59 -9.79
N ASN B 154 5.29 -2.77 -10.06
CA ASN B 154 4.82 -3.14 -11.38
C ASN B 154 4.07 -2.02 -12.09
N TYR B 155 4.37 -0.79 -11.72
CA TYR B 155 3.76 0.42 -12.27
C TYR B 155 2.28 0.58 -11.92
N TYR B 156 1.82 -0.11 -10.89
CA TYR B 156 0.43 0.04 -10.48
C TYR B 156 0.18 1.40 -9.84
N GLY B 157 -0.72 2.17 -10.46
CA GLY B 157 -1.08 3.48 -9.96
C GLY B 157 -0.06 4.55 -10.25
N LEU B 158 1.03 4.16 -10.91
CA LEU B 158 2.12 5.07 -11.22
C LEU B 158 1.79 5.88 -12.46
N THR B 159 1.72 7.19 -12.31
CA THR B 159 1.25 8.06 -13.37
C THR B 159 2.34 8.97 -13.94
N HIS B 160 3.32 9.30 -13.12
CA HIS B 160 4.37 10.21 -13.55
C HIS B 160 5.75 9.83 -13.06
N PHE B 161 6.75 10.19 -13.84
CA PHE B 161 8.15 10.10 -13.44
C PHE B 161 8.80 11.46 -13.52
N ILE B 162 9.57 11.82 -12.51
CA ILE B 162 10.31 13.07 -12.55
C ILE B 162 11.77 12.80 -12.85
N GLU B 163 12.20 13.25 -14.01
CA GLU B 163 13.58 13.09 -14.41
C GLU B 163 14.44 14.10 -13.69
N ILE B 164 15.61 13.67 -13.24
CA ILE B 164 16.51 14.54 -12.52
C ILE B 164 17.70 14.95 -13.37
N PRO B 165 18.36 16.06 -13.00
CA PRO B 165 19.55 16.45 -13.74
C PRO B 165 20.74 15.61 -13.34
N VAL B 166 21.48 15.13 -14.34
CA VAL B 166 22.69 14.39 -14.07
C VAL B 166 23.85 15.05 -14.78
N LYS B 167 24.95 15.24 -14.07
CA LYS B 167 26.14 15.82 -14.66
C LYS B 167 26.90 14.76 -15.42
N ALA B 168 26.98 14.94 -16.73
CA ALA B 168 27.68 14.00 -17.60
C ALA B 168 29.16 14.38 -17.73
CA CA C . -13.69 -0.90 11.84
C1 B3P D . -0.23 0.10 -0.06
C2 B3P D . -0.45 -0.62 1.23
C3 B3P D . 0.50 1.45 0.08
N1 B3P D . 0.29 2.03 1.37
C4 B3P D . -0.07 3.44 1.26
C5 B3P D . 0.79 4.15 0.19
C6 B3P D . 0.16 4.12 2.62
C7 B3P D . -1.54 3.56 0.93
N2 B3P D . -1.67 -0.09 1.96
C8 B3P D . -1.70 -0.61 3.33
C9 B3P D . -2.68 0.23 4.19
C10 B3P D . -0.30 -0.52 3.97
C11 B3P D . -2.21 -2.06 3.35
O1 B3P D . -1.98 1.35 4.74
O2 B3P D . 0.27 -1.83 4.17
O3 B3P D . -3.58 -2.10 3.64
O4 B3P D . 1.93 4.72 0.79
O5 B3P D . -0.96 3.82 3.46
O6 B3P D . -1.73 4.42 -0.17
CA CA E . 7.56 14.10 8.45
#